data_7QDQ
#
_entry.id   7QDQ
#
_cell.length_a   41.641
_cell.length_b   43.675
_cell.length_c   53.351
_cell.angle_alpha   90.000
_cell.angle_beta   90.000
_cell.angle_gamma   90.000
#
_symmetry.space_group_name_H-M   'P 21 21 21'
#
loop_
_entity.id
_entity.type
_entity.pdbx_description
1 polymer 'E3 ubiquitin-protein ligase Mdm2'
2 non-polymer 'CHLORIDE ION'
3 non-polymer 'SODIUM ION'
4 non-polymer 'SULFATE ION'
5 non-polymer Caylin-1
6 non-polymer 'DIMETHYL SULFOXIDE'
7 water water
#
_entity_poly.entity_id   1
_entity_poly.type   'polypeptide(L)'
_entity_poly.pdbx_seq_one_letter_code
;PASEQETLVRPKPLLLKLLKSVGAQKDTYTMKEVLFYLGQYIMTKRLYDEKQQHIVYCSNDLLGDLFGVPSFSVKEHRKI
YTMIYRNLVVVN
;
_entity_poly.pdbx_strand_id   A
#
loop_
_chem_comp.id
_chem_comp.type
_chem_comp.name
_chem_comp.formula
AU0 non-polymer Caylin-1 'C30 H28 Cl4 N4 O4'
CL non-polymer 'CHLORIDE ION' 'Cl -1'
DMS non-polymer 'DIMETHYL SULFOXIDE' 'C2 H6 O S'
NA non-polymer 'SODIUM ION' 'Na 1'
SO4 non-polymer 'SULFATE ION' 'O4 S -2'
#
# COMPACT_ATOMS: atom_id res chain seq x y z
N PRO A 1 -1.32 16.96 21.32
CA PRO A 1 -2.47 16.13 21.68
C PRO A 1 -2.54 14.85 20.85
N ALA A 2 -2.57 13.71 21.52
CA ALA A 2 -2.29 12.44 20.88
C ALA A 2 -3.55 11.83 20.29
N SER A 3 -3.40 11.27 19.09
CA SER A 3 -4.46 10.46 18.49
C SER A 3 -4.26 9.03 18.98
N GLU A 4 -5.17 8.58 19.83
N GLU A 4 -5.15 8.58 19.85
CA GLU A 4 -5.06 7.26 20.40
CA GLU A 4 -5.07 7.22 20.35
C GLU A 4 -5.29 6.16 19.36
C GLU A 4 -5.34 6.21 19.24
N GLN A 5 -5.92 6.47 18.21
N GLN A 5 -5.76 6.41 18.27
CA GLN A 5 -6.17 5.51 17.14
CA GLN A 5 -6.03 5.35 17.31
C GLN A 5 -4.95 5.28 16.25
C GLN A 5 -4.97 5.29 16.20
N GLU A 6 -3.95 6.13 16.30
CA GLU A 6 -2.83 6.06 15.35
C GLU A 6 -2.16 4.71 15.41
N THR A 7 -1.62 4.26 14.26
CA THR A 7 -0.77 3.07 14.20
C THR A 7 0.58 3.47 13.59
N LEU A 8 1.65 3.17 14.32
CA LEU A 8 3.02 3.36 13.84
C LEU A 8 3.56 2.03 13.36
N VAL A 9 4.21 2.04 12.20
CA VAL A 9 4.63 0.80 11.55
C VAL A 9 6.03 0.94 10.99
N ARG A 10 6.72 -0.19 10.95
N ARG A 10 6.72 -0.19 10.93
CA ARG A 10 8.03 -0.32 10.33
CA ARG A 10 8.05 -0.27 10.31
C ARG A 10 7.88 -1.22 9.12
C ARG A 10 7.92 -1.21 9.14
N PRO A 11 8.10 -0.74 7.90
CA PRO A 11 7.89 -1.60 6.73
C PRO A 11 9.01 -2.60 6.50
N LYS A 12 8.61 -3.76 5.99
CA LYS A 12 9.55 -4.72 5.47
C LYS A 12 10.29 -4.15 4.26
N PRO A 13 11.42 -4.78 3.87
CA PRO A 13 12.24 -4.19 2.79
C PRO A 13 11.52 -3.88 1.48
N LEU A 14 10.68 -4.79 0.95
CA LEU A 14 10.02 -4.51 -0.32
C LEU A 14 9.01 -3.38 -0.18
N LEU A 15 8.25 -3.35 0.90
CA LEU A 15 7.35 -2.24 1.10
C LEU A 15 8.11 -0.93 1.24
N LEU A 16 9.23 -0.93 1.98
CA LEU A 16 10.04 0.28 2.08
C LEU A 16 10.49 0.74 0.70
N LYS A 17 10.90 -0.19 -0.16
CA LYS A 17 11.31 0.20 -1.50
C LYS A 17 10.18 0.86 -2.27
N LEU A 18 8.96 0.34 -2.17
N LEU A 18 8.98 0.29 -2.20
CA LEU A 18 7.84 0.97 -2.86
CA LEU A 18 7.81 0.93 -2.81
C LEU A 18 7.50 2.33 -2.24
C LEU A 18 7.60 2.32 -2.24
N LEU A 19 7.56 2.44 -0.92
CA LEU A 19 7.29 3.72 -0.30
C LEU A 19 8.30 4.77 -0.71
N LYS A 20 9.57 4.40 -0.78
CA LYS A 20 10.61 5.35 -1.15
C LYS A 20 10.51 5.78 -2.60
N SER A 21 9.86 4.98 -3.44
CA SER A 21 9.74 5.38 -4.84
C SER A 21 8.76 6.51 -5.02
N VAL A 22 7.78 6.61 -4.12
N VAL A 22 7.75 6.64 -4.15
CA VAL A 22 6.70 7.57 -4.22
CA VAL A 22 6.75 7.69 -4.27
C VAL A 22 6.80 8.66 -3.16
C VAL A 22 6.77 8.69 -3.13
N GLY A 23 7.50 8.40 -2.06
CA GLY A 23 7.46 9.26 -0.91
C GLY A 23 8.79 9.38 -0.21
N ALA A 24 8.75 9.83 1.03
CA ALA A 24 9.94 10.03 1.81
C ALA A 24 10.34 8.76 2.55
N GLN A 25 11.64 8.60 2.75
CA GLN A 25 12.19 7.53 3.57
C GLN A 25 12.08 7.91 5.04
N LYS A 26 11.47 7.04 5.83
CA LYS A 26 11.34 7.20 7.26
C LYS A 26 11.59 5.86 7.92
N ASP A 27 11.93 5.91 9.19
CA ASP A 27 12.07 4.65 9.92
C ASP A 27 10.71 4.09 10.28
N THR A 28 9.80 4.94 10.73
CA THR A 28 8.42 4.56 11.01
C THR A 28 7.45 5.45 10.27
N TYR A 29 6.37 4.85 9.79
CA TYR A 29 5.30 5.53 9.10
C TYR A 29 4.03 5.30 9.90
N THR A 30 3.01 6.10 9.65
CA THR A 30 1.69 5.76 10.17
C THR A 30 0.96 4.90 9.14
N MET A 31 -0.03 4.15 9.61
N MET A 31 -0.06 4.17 9.60
CA MET A 31 -0.86 3.40 8.69
CA MET A 31 -0.85 3.40 8.66
C MET A 31 -1.52 4.32 7.67
C MET A 31 -1.55 4.31 7.66
N LYS A 32 -1.98 5.49 8.09
CA LYS A 32 -2.67 6.39 7.17
C LYS A 32 -1.71 6.80 6.06
N GLU A 33 -0.46 6.99 6.42
CA GLU A 33 0.58 7.35 5.48
C GLU A 33 0.85 6.23 4.49
N VAL A 34 0.94 5.00 4.98
CA VAL A 34 1.18 3.86 4.11
C VAL A 34 0.04 3.68 3.12
N LEU A 35 -1.20 3.80 3.59
CA LEU A 35 -2.34 3.68 2.70
C LEU A 35 -2.30 4.75 1.64
N PHE A 36 -2.00 5.99 2.05
CA PHE A 36 -1.95 7.08 1.08
C PHE A 36 -0.90 6.80 0.02
N TYR A 37 0.30 6.44 0.45
CA TYR A 37 1.40 6.23 -0.48
C TYR A 37 1.14 5.03 -1.39
N LEU A 38 0.62 3.93 -0.86
CA LEU A 38 0.34 2.78 -1.73
C LEU A 38 -0.66 3.16 -2.81
N GLY A 39 -1.71 3.89 -2.44
CA GLY A 39 -2.64 4.37 -3.45
C GLY A 39 -1.97 5.26 -4.49
N GLN A 40 -1.07 6.13 -4.04
CA GLN A 40 -0.39 7.03 -4.97
C GLN A 40 0.60 6.27 -5.83
N TYR A 41 1.17 5.18 -5.35
CA TYR A 41 2.01 4.32 -6.17
C TYR A 41 1.21 3.70 -7.29
N ILE A 42 0.03 3.17 -6.96
CA ILE A 42 -0.87 2.61 -7.98
C ILE A 42 -1.23 3.66 -9.01
N MET A 43 -1.48 4.90 -8.58
CA MET A 43 -1.85 5.94 -9.54
C MET A 43 -0.70 6.22 -10.50
N THR A 44 0.51 6.40 -9.95
N THR A 44 0.51 6.36 -9.97
CA THR A 44 1.66 6.74 -10.78
CA THR A 44 1.61 6.79 -10.84
C THR A 44 1.94 5.65 -11.80
C THR A 44 2.08 5.66 -11.76
N LYS A 45 1.92 4.40 -11.36
CA LYS A 45 2.24 3.28 -12.23
C LYS A 45 1.04 2.80 -13.06
N ARG A 46 -0.10 3.48 -12.93
N ARG A 46 -0.11 3.46 -12.94
CA ARG A 46 -1.30 3.17 -13.70
CA ARG A 46 -1.32 3.11 -13.70
C ARG A 46 -1.70 1.71 -13.56
C ARG A 46 -1.62 1.61 -13.63
N LEU A 47 -1.61 1.19 -12.34
N LEU A 47 -1.69 1.08 -12.41
CA LEU A 47 -1.96 -0.20 -12.06
CA LEU A 47 -1.94 -0.34 -12.23
C LEU A 47 -3.45 -0.35 -11.78
C LEU A 47 -3.44 -0.69 -12.30
N TYR A 48 -4.27 0.26 -12.63
CA TYR A 48 -5.71 0.13 -12.56
C TYR A 48 -6.23 0.06 -13.98
N ASP A 49 -7.46 -0.38 -14.13
CA ASP A 49 -8.16 -0.35 -15.42
C ASP A 49 -8.61 1.08 -15.69
N GLU A 50 -8.14 1.66 -16.80
CA GLU A 50 -8.54 3.00 -17.15
C GLU A 50 -10.05 3.18 -17.19
N LYS A 51 -10.78 2.12 -17.57
N LYS A 51 -10.78 2.12 -17.56
CA LYS A 51 -12.23 2.14 -17.65
CA LYS A 51 -12.24 2.18 -17.63
C LYS A 51 -12.90 1.65 -16.38
C LYS A 51 -12.90 1.52 -16.42
N GLN A 52 -12.14 1.18 -15.39
CA GLN A 52 -12.75 0.72 -14.14
C GLN A 52 -11.72 0.97 -13.05
N GLN A 53 -11.58 2.24 -12.67
CA GLN A 53 -10.39 2.67 -11.92
C GLN A 53 -10.40 2.23 -10.47
N HIS A 54 -11.48 1.63 -10.00
CA HIS A 54 -11.54 1.02 -8.69
C HIS A 54 -11.06 -0.42 -8.68
N ILE A 55 -10.60 -0.96 -9.81
CA ILE A 55 -9.98 -2.27 -9.87
C ILE A 55 -8.49 -2.09 -10.14
N VAL A 56 -7.68 -2.71 -9.31
CA VAL A 56 -6.23 -2.66 -9.39
C VAL A 56 -5.71 -3.96 -9.98
N TYR A 57 -4.82 -3.86 -10.99
N TYR A 57 -4.71 -3.84 -10.86
N TYR A 57 -4.83 -3.87 -10.98
CA TYR A 57 -4.10 -5.03 -11.50
CA TYR A 57 -4.11 -4.98 -11.54
CA TYR A 57 -4.12 -5.03 -11.48
C TYR A 57 -2.63 -4.84 -11.17
C TYR A 57 -2.61 -4.91 -11.28
C TYR A 57 -2.65 -4.84 -11.16
N CYS A 58 -2.12 -5.72 -10.33
CA CYS A 58 -0.78 -5.57 -9.78
C CYS A 58 0.12 -6.76 -10.08
N SER A 59 -0.34 -7.77 -10.81
CA SER A 59 0.48 -8.97 -10.94
C SER A 59 1.80 -8.69 -11.67
N ASN A 60 1.82 -7.72 -12.60
CA ASN A 60 3.01 -7.42 -13.38
C ASN A 60 3.88 -6.35 -12.73
N ASP A 61 3.75 -6.16 -11.41
CA ASP A 61 4.45 -5.12 -10.68
C ASP A 61 4.91 -5.70 -9.34
N LEU A 62 5.95 -5.09 -8.78
CA LEU A 62 6.36 -5.46 -7.43
C LEU A 62 5.21 -5.40 -6.43
N LEU A 63 4.22 -4.55 -6.65
CA LEU A 63 3.08 -4.50 -5.72
C LEU A 63 2.39 -5.85 -5.63
N GLY A 64 2.30 -6.57 -6.75
CA GLY A 64 1.70 -7.89 -6.73
C GLY A 64 2.54 -8.89 -5.94
N ASP A 65 3.87 -8.73 -5.97
CA ASP A 65 4.72 -9.58 -5.14
C ASP A 65 4.49 -9.25 -3.67
N LEU A 66 4.39 -7.97 -3.36
CA LEU A 66 4.15 -7.52 -2.00
C LEU A 66 2.83 -8.07 -1.45
N PHE A 67 1.73 -7.86 -2.17
CA PHE A 67 0.40 -8.30 -1.71
C PHE A 67 0.12 -9.78 -1.94
N GLY A 68 0.80 -10.43 -2.89
CA GLY A 68 0.55 -11.85 -3.13
C GLY A 68 -0.72 -12.15 -3.91
N VAL A 69 -1.25 -11.15 -4.60
CA VAL A 69 -2.47 -11.29 -5.41
C VAL A 69 -2.23 -10.63 -6.76
N PRO A 70 -2.98 -11.07 -7.78
CA PRO A 70 -2.81 -10.45 -9.09
C PRO A 70 -3.64 -9.19 -9.30
N SER A 71 -4.70 -9.03 -8.51
CA SER A 71 -5.67 -7.96 -8.72
C SER A 71 -6.54 -7.88 -7.49
N PHE A 72 -7.21 -6.75 -7.34
CA PHE A 72 -8.15 -6.55 -6.23
C PHE A 72 -8.96 -5.30 -6.52
N SER A 73 -10.12 -5.22 -5.90
CA SER A 73 -10.92 -4.02 -5.86
C SER A 73 -10.58 -3.17 -4.64
N VAL A 74 -10.62 -1.85 -4.80
CA VAL A 74 -10.39 -0.97 -3.67
C VAL A 74 -11.49 -1.06 -2.63
N LYS A 75 -12.60 -1.72 -2.93
CA LYS A 75 -13.63 -1.93 -1.92
C LYS A 75 -13.24 -2.99 -0.92
N GLU A 76 -12.19 -3.77 -1.17
CA GLU A 76 -11.87 -4.95 -0.36
C GLU A 76 -10.94 -4.55 0.77
N HIS A 77 -11.50 -3.80 1.71
CA HIS A 77 -10.66 -3.19 2.74
C HIS A 77 -10.03 -4.22 3.66
N ARG A 78 -10.75 -5.27 4.08
CA ARG A 78 -10.16 -6.26 4.96
C ARG A 78 -8.96 -6.93 4.28
N LYS A 79 -9.13 -7.26 3.02
CA LYS A 79 -8.06 -7.90 2.29
C LYS A 79 -6.85 -6.98 2.19
N ILE A 80 -7.09 -5.72 1.83
CA ILE A 80 -5.98 -4.80 1.64
CA ILE A 80 -6.01 -4.75 1.65
C ILE A 80 -5.27 -4.51 2.96
N TYR A 81 -6.02 -4.25 4.03
CA TYR A 81 -5.35 -4.09 5.32
C TYR A 81 -4.57 -5.36 5.67
N THR A 82 -5.16 -6.53 5.47
CA THR A 82 -4.49 -7.77 5.84
C THR A 82 -3.18 -7.92 5.08
N MET A 83 -3.21 -7.64 3.79
N MET A 83 -3.23 -7.66 3.76
CA MET A 83 -1.98 -7.79 3.01
CA MET A 83 -2.04 -7.74 2.93
C MET A 83 -0.95 -6.74 3.39
C MET A 83 -0.98 -6.76 3.39
N ILE A 84 -1.39 -5.54 3.72
CA ILE A 84 -0.45 -4.51 4.17
C ILE A 84 0.24 -4.95 5.46
N TYR A 85 -0.55 -5.42 6.44
CA TYR A 85 0.06 -5.84 7.70
C TYR A 85 1.02 -7.00 7.54
N ARG A 86 0.84 -7.85 6.52
CA ARG A 86 1.80 -8.91 6.24
C ARG A 86 3.14 -8.39 5.73
N ASN A 87 3.24 -7.08 5.48
N ASN A 87 3.25 -7.08 5.51
CA ASN A 87 4.41 -6.42 4.90
CA ASN A 87 4.42 -6.45 4.92
C ASN A 87 5.03 -5.39 5.84
C ASN A 87 5.03 -5.39 5.84
N LEU A 88 4.70 -5.44 7.13
CA LEU A 88 5.23 -4.50 8.10
C LEU A 88 5.12 -5.12 9.48
N VAL A 89 5.65 -4.41 10.46
CA VAL A 89 5.42 -4.68 11.86
C VAL A 89 4.92 -3.42 12.54
N VAL A 90 4.07 -3.61 13.53
CA VAL A 90 3.57 -2.49 14.33
C VAL A 90 4.58 -2.24 15.44
N VAL A 91 4.91 -0.96 15.64
CA VAL A 91 5.92 -0.55 16.62
C VAL A 91 5.22 -0.41 17.95
CL CL B . -2.59 5.77 11.46
CL CL C . 10.39 -8.34 2.11
CL CL D . -12.52 -9.65 -0.22
NA NA E . -11.68 -4.05 -14.96
NA NA F . 6.63 -5.60 16.29
S SO4 G . -10.20 -0.42 -23.70
O1 SO4 G . -10.56 0.90 -24.21
O2 SO4 G . -11.38 -1.25 -23.60
O3 SO4 G . -9.47 -0.30 -22.45
O4 SO4 G . -9.30 -1.02 -24.68
N AU0 H . -9.32 3.65 -1.81
N AU0 H . -9.35 4.04 -2.02
C AU0 H . -13.01 4.89 -7.80
C AU0 H . -12.65 5.12 -8.47
O AU0 H . -11.60 4.74 -7.76
O AU0 H . -11.25 4.89 -8.36
C1 AU0 H . -11.03 4.67 -6.55
C1 AU0 H . -10.74 4.86 -7.07
C10 AU0 H . -8.94 4.42 -2.75
C10 AU0 H . -8.89 4.69 -3.03
C11 AU0 H . -8.56 3.92 -0.57
C11 AU0 H . -8.47 4.18 -0.81
C12 AU0 H . -8.38 2.71 0.30
C12 AU0 H . -8.45 3.00 0.17
C13 AU0 H . -8.21 2.78 1.68
C13 AU0 H . -8.42 1.65 -0.22
C14 AU0 H . -8.02 1.66 2.45
C14 AU0 H . -8.36 0.60 0.70
C15 AU0 H . -8.02 0.40 1.86
C15 AU0 H . -8.37 0.91 2.04
C16 AU0 H . -8.18 0.26 0.47
C16 AU0 H . -8.41 2.21 2.46
C17 AU0 H . -8.37 1.42 -0.28
C17 AU0 H . -8.46 3.26 1.54
C18 AU0 H . -7.19 4.50 -1.20
C18 AU0 H . -7.06 4.47 -1.50
C19 AU0 H . -6.27 3.42 -1.35
C19 AU0 H . -6.19 3.17 -1.67
C2 AU0 H . -11.71 4.79 -5.34
C2 AU0 H . -11.46 5.21 -5.92
C20 AU0 H . -5.29 3.17 -0.39
C20 AU0 H . -6.20 2.42 -2.86
C21 AU0 H . -4.45 2.10 -0.51
C21 AU0 H . -5.44 1.25 -3.02
C22 AU0 H . -4.59 1.23 -1.56
C22 AU0 H . -4.64 0.79 -1.97
C23 AU0 H . -5.56 1.44 -2.51
C23 AU0 H . -4.62 1.50 -0.80
C24 AU0 H . -6.37 2.53 -2.41
C24 AU0 H . -5.38 2.68 -0.65
C25 AU0 H . -6.90 5.95 -3.16
C25 AU0 H . -6.67 6.05 -3.50
C26 AU0 H . -8.69 7.54 -3.80
C26 AU0 H . -8.39 7.77 -4.48
C27 AU0 H . -8.51 8.93 -3.14
C27 AU0 H . -8.24 9.31 -4.17
C28 AU0 H . -6.58 9.20 -4.68
C28 AU0 H . -6.16 9.21 -5.55
C29 AU0 H . -6.56 7.69 -4.79
C29 AU0 H . -6.15 7.69 -5.34
C3 AU0 H . -11.00 4.70 -4.17
C3 AU0 H . -10.84 5.13 -4.67
C4 AU0 H . -9.63 4.49 -4.06
C4 AU0 H . -9.53 4.73 -4.42
C5 AU0 H . -8.95 4.38 -5.30
C5 AU0 H . -8.80 4.39 -5.61
C6 AU0 H . -6.85 3.97 -6.43
C6 AU0 H . -6.67 3.82 -6.64
C7 AU0 H . -7.05 2.58 -7.06
C7 AU0 H . -6.85 2.46 -7.31
C8 AU0 H . -5.39 4.16 -6.11
C8 AU0 H . -5.22 3.97 -6.22
C9 AU0 H . -9.67 4.47 -6.49
C9 AU0 H . -9.42 4.46 -6.88
N1 AU0 H . -7.66 5.06 -2.45
N1 AU0 H . -7.51 5.15 -2.77
N2 AU0 H . -7.41 6.87 -4.02
N2 AU0 H . -7.09 7.04 -4.49
N3 AU0 H . -7.47 9.73 -3.75
N3 AU0 H . -7.07 9.92 -4.77
O1 AU0 H . -7.59 4.15 -5.26
O1 AU0 H . -7.50 3.98 -5.49
O2 AU0 H . -5.67 5.87 -3.03
O2 AU0 H . -5.46 5.93 -3.31
O3 AU0 H . -5.87 9.87 -5.35
O3 AU0 H . -5.35 9.75 -6.23
CL AU0 H . -7.76 -0.95 2.89
CL AU0 H . -8.28 -0.32 3.20
CL1 AU0 H . -8.17 -1.30 -0.40
CL1 AU0 H . -8.42 2.51 4.18
CL2 AU0 H . -3.54 -0.11 -1.60
CL2 AU0 H . -3.69 -0.67 -2.13
CL3 AU0 H . -5.74 0.39 -3.83
CL3 AU0 H . -3.64 0.94 0.54
H2 AU0 H . -13.38 4.85 -8.70
H2 AU0 H . -13.20 4.51 -7.96
H3 AU0 H . -13.33 5.73 -7.44
H3 AU0 H . -12.99 5.04 -9.39
H4 AU0 H . -13.48 4.21 -7.31
H4 AU0 H . -12.93 6.00 -8.19
H AU0 H . -8.95 4.62 -0.02
H AU0 H . -8.74 4.95 -0.28
H15 AU0 H . -8.22 3.60 2.12
H15 AU0 H . -8.43 1.41 -1.11
H16 AU0 H . -7.90 1.72 3.38
H16 AU0 H . -8.32 -0.29 0.43
H17 AU0 H . -8.51 1.34 -1.20
H17 AU0 H . -8.48 4.14 1.84
H1 AU0 H . -6.87 5.25 -0.69
H1 AU0 H . -6.59 5.13 -0.98
H5 AU0 H . -12.62 4.94 -5.38
H5 AU0 H . -12.34 5.46 -6.04
H18 AU0 H . -5.19 3.74 0.34
H18 AU0 H . -6.71 2.70 -3.57
H19 AU0 H . -3.80 1.93 0.13
H19 AU0 H . -5.48 0.77 -3.81
H20 AU0 H . -7.01 2.68 -3.06
H20 AU0 H . -5.32 3.14 0.16
H22 AU0 H . -9.20 7.66 -4.62
H22 AU0 H . -8.88 7.68 -5.31
H21 AU0 H . -9.30 7.02 -3.26
H21 AU0 H . -9.02 7.40 -3.83
H23 AU0 H . -8.34 8.88 -2.19
H23 AU0 H . -8.24 9.50 -3.22
H24 AU0 H . -9.33 9.45 -3.13
H24 AU0 H . -9.02 9.82 -4.45
H26 AU0 H . -6.70 7.52 -5.75
H26 AU0 H . -6.20 7.32 -6.24
H27 AU0 H . -5.63 7.46 -4.64
H27 AU0 H . -5.24 7.51 -5.06
H6 AU0 H . -11.51 4.79 -3.40
H6 AU0 H . -11.39 5.39 -3.96
H7 AU0 H . -7.16 4.58 -7.12
H7 AU0 H . -6.91 4.46 -7.32
H8 AU0 H . -6.80 1.84 -6.47
H8 AU0 H . -7.64 2.40 -7.88
H9 AU0 H . -6.53 2.43 -7.86
H9 AU0 H . -6.94 1.72 -6.70
H10 AU0 H . -7.96 2.38 -7.32
H10 AU0 H . -6.12 2.20 -7.90
H13 AU0 H . -4.99 3.37 -5.72
H13 AU0 H . -5.12 4.55 -5.45
H12 AU0 H . -5.25 4.89 -5.48
H12 AU0 H . -4.67 4.34 -6.93
H11 AU0 H . -4.86 4.38 -6.89
H11 AU0 H . -4.82 3.12 -5.97
H14 AU0 H . -9.21 4.40 -7.31
H14 AU0 H . -8.93 4.24 -7.64
H25 AU0 H . -7.35 10.56 -3.56
H25 AU0 H . -6.88 10.76 -4.65
S DMS I . -13.68 -7.16 2.49
O DMS I . -14.57 -6.85 1.33
C1 DMS I . -13.71 -5.70 3.57
C2 DMS I . -11.96 -7.41 1.92
H11 DMS I . -13.24 -5.92 4.50
H12 DMS I . -14.72 -5.42 3.76
H13 DMS I . -13.20 -4.90 3.10
H21 DMS I . -11.53 -8.24 2.44
H22 DMS I . -11.38 -6.54 2.12
H23 DMS I . -11.95 -7.62 0.88
S DMS J . 11.99 9.21 11.12
O DMS J . 11.40 10.30 10.27
C1 DMS J . 13.37 8.41 10.25
C2 DMS J . 10.72 7.96 11.44
H11 DMS J . 13.11 8.24 9.24
H12 DMS J . 13.59 7.48 10.70
H13 DMS J . 14.23 9.03 10.29
H21 DMS J . 11.14 7.20 12.05
H22 DMS J . 10.41 7.54 10.52
H23 DMS J . 9.90 8.41 11.93
#